data_1UXB
#
_entry.id   1UXB
#
_cell.length_a   60.700
_cell.length_b   68.700
_cell.length_c   74.700
_cell.angle_alpha   90.00
_cell.angle_beta   94.90
_cell.angle_gamma   90.00
#
_symmetry.space_group_name_H-M   'P 1 21 1'
#
loop_
_entity.id
_entity.type
_entity.pdbx_description
1 polymer 'FIBER PROTEIN'
2 branched 'N-acetyl-alpha-neuraminic acid-(2-3)-beta-D-galactopyranose'
3 branched 'N-acetyl-alpha-neuraminic acid-(2-6)-beta-D-galactopyranose'
4 non-polymer 'ZINC ION'
5 non-polymer 'ACETATE ION'
6 water water
#
_entity_poly.entity_id   1
_entity_poly.type   'polypeptide(L)'
_entity_poly.pdbx_seq_one_letter_code
;GAMGSWNPKYDTRTLWTTPDTSPNCTIAQDKDSKLTLVLTKCGSQILANVSLIVVAGKYHIINNKTNPEIKSFTIKLLFN
KNGVLLDNSNLGKAYWNFRSGNSNVSTAYEKAIGFMPNLVAYPKPSNSKKYARDIVYGTIYLGGKPDQPAVIKTTFNQET
GCEYSITFDFSWSKTYENVEFETTSFTFSYIAQE
;
_entity_poly.pdbx_strand_id   A,B,C
#
loop_
_chem_comp.id
_chem_comp.type
_chem_comp.name
_chem_comp.formula
ACT non-polymer 'ACETATE ION' 'C2 H3 O2 -1'
GAL D-saccharide, beta linking beta-D-galactopyranose 'C6 H12 O6'
SIA D-saccharide, alpha linking 'N-acetyl-alpha-neuraminic acid' 'C11 H19 N O9'
ZN non-polymer 'ZINC ION' 'Zn 2'
#
# COMPACT_ATOMS: atom_id res chain seq x y z
N ASP A 11 6.24 -7.80 -18.93
CA ASP A 11 7.28 -6.87 -18.38
C ASP A 11 7.16 -6.74 -16.85
N THR A 12 8.04 -7.43 -16.11
CA THR A 12 8.05 -7.40 -14.64
C THR A 12 9.34 -6.70 -14.25
N ARG A 13 9.81 -5.79 -15.08
CA ARG A 13 11.06 -5.12 -14.80
C ARG A 13 10.95 -4.05 -13.72
N THR A 14 12.12 -3.58 -13.34
CA THR A 14 12.21 -2.54 -12.34
C THR A 14 13.06 -1.37 -12.80
N LEU A 15 12.47 -0.19 -12.68
CA LEU A 15 13.09 1.05 -12.99
C LEU A 15 13.42 1.62 -11.62
N TRP A 16 14.68 1.96 -11.37
CA TRP A 16 15.03 2.51 -10.06
C TRP A 16 16.18 3.50 -10.00
N THR A 17 16.38 4.06 -8.81
CA THR A 17 17.44 5.03 -8.54
C THR A 17 18.72 4.36 -8.05
N THR A 18 18.67 3.04 -7.92
CA THR A 18 19.72 2.16 -7.35
C THR A 18 19.42 2.39 -5.87
N PRO A 19 19.87 1.50 -5.01
CA PRO A 19 19.56 1.76 -3.61
C PRO A 19 20.67 2.15 -2.66
N ASP A 20 21.75 2.76 -3.16
CA ASP A 20 22.80 3.16 -2.24
C ASP A 20 22.39 4.54 -1.74
N THR A 21 23.30 5.26 -1.11
CA THR A 21 22.95 6.56 -0.60
C THR A 21 23.68 7.75 -1.19
N SER A 22 24.30 7.56 -2.35
CA SER A 22 24.99 8.70 -2.97
C SER A 22 23.94 9.70 -3.46
N PRO A 23 24.11 11.02 -3.15
CA PRO A 23 23.16 12.05 -3.57
C PRO A 23 22.91 11.95 -5.06
N ASN A 24 21.64 12.05 -5.47
CA ASN A 24 21.28 11.92 -6.87
C ASN A 24 20.21 12.94 -7.19
N CYS A 25 19.96 13.84 -6.26
CA CYS A 25 18.86 14.78 -6.42
C CYS A 25 19.16 16.19 -5.89
N THR A 26 18.53 17.18 -6.52
CA THR A 26 18.70 18.59 -6.22
C THR A 26 17.36 19.23 -5.86
N ILE A 27 17.17 19.55 -4.59
CA ILE A 27 15.93 20.19 -4.13
C ILE A 27 16.15 21.69 -4.01
N ALA A 28 17.17 22.07 -3.27
CA ALA A 28 17.45 23.49 -3.05
C ALA A 28 18.82 23.84 -3.61
N GLN A 29 19.73 22.87 -3.62
CA GLN A 29 21.07 23.11 -4.15
C GLN A 29 21.60 21.82 -4.75
N ASP A 30 22.62 21.93 -5.58
CA ASP A 30 23.16 20.76 -6.25
C ASP A 30 23.47 19.53 -5.43
N LYS A 31 22.85 18.41 -5.82
CA LYS A 31 23.05 17.13 -5.16
C LYS A 31 22.86 17.21 -3.66
N ASP A 32 21.81 17.89 -3.22
CA ASP A 32 21.57 17.97 -1.79
C ASP A 32 20.75 16.81 -1.18
N SER A 33 20.37 15.84 -2.01
CA SER A 33 19.59 14.75 -1.47
C SER A 33 19.68 13.47 -2.29
N LYS A 34 19.22 12.40 -1.66
CA LYS A 34 19.16 11.08 -2.27
C LYS A 34 17.70 10.62 -2.27
N LEU A 35 17.10 10.57 -3.45
CA LEU A 35 15.73 10.06 -3.57
C LEU A 35 15.90 8.57 -3.93
N THR A 36 15.26 7.67 -3.19
CA THR A 36 15.34 6.26 -3.54
C THR A 36 13.94 5.94 -4.02
N LEU A 37 13.82 5.60 -5.30
CA LEU A 37 12.52 5.32 -5.88
C LEU A 37 12.69 4.06 -6.68
N VAL A 38 11.81 3.13 -6.44
CA VAL A 38 11.79 1.84 -7.11
C VAL A 38 10.42 1.63 -7.73
N LEU A 39 10.41 1.47 -9.06
CA LEU A 39 9.14 1.25 -9.74
C LEU A 39 9.17 -0.13 -10.37
N THR A 40 8.18 -0.95 -10.05
CA THR A 40 8.14 -2.31 -10.59
C THR A 40 6.83 -2.49 -11.33
N LYS A 41 6.92 -3.03 -12.52
CA LYS A 41 5.70 -3.20 -13.28
C LYS A 41 4.99 -4.50 -12.99
N CYS A 42 3.74 -4.41 -12.54
CA CYS A 42 2.88 -5.55 -12.27
C CYS A 42 1.71 -5.43 -13.22
N GLY A 43 2.00 -5.57 -14.50
CA GLY A 43 0.96 -5.48 -15.50
C GLY A 43 0.42 -4.07 -15.60
N SER A 44 -0.88 -3.94 -15.46
CA SER A 44 -1.59 -2.67 -15.55
C SER A 44 -1.31 -1.66 -14.40
N GLN A 45 -0.58 -2.10 -13.38
CA GLN A 45 -0.24 -1.20 -12.27
C GLN A 45 1.24 -1.21 -12.03
N ILE A 46 1.73 -0.08 -11.55
CA ILE A 46 3.12 0.05 -11.23
C ILE A 46 3.14 0.07 -9.68
N LEU A 47 3.94 -0.81 -9.11
CA LEU A 47 4.09 -0.87 -7.66
C LEU A 47 5.29 0.02 -7.40
N ALA A 48 5.08 1.02 -6.55
CA ALA A 48 6.13 2.00 -6.27
C ALA A 48 6.55 2.02 -4.84
N ASN A 49 7.84 2.22 -4.62
CA ASN A 49 8.40 2.28 -3.27
C ASN A 49 9.31 3.52 -3.21
N VAL A 50 9.11 4.39 -2.21
CA VAL A 50 9.91 5.60 -2.21
C VAL A 50 10.36 6.02 -0.82
N SER A 51 11.55 6.63 -0.74
CA SER A 51 12.04 7.21 0.51
C SER A 51 12.95 8.36 0.12
N LEU A 52 13.31 9.20 1.07
CA LEU A 52 14.16 10.35 0.73
C LEU A 52 15.16 10.64 1.83
N ILE A 53 16.40 11.02 1.46
CA ILE A 53 17.43 11.39 2.41
C ILE A 53 17.94 12.79 1.96
N VAL A 54 17.74 13.84 2.75
CA VAL A 54 18.29 15.14 2.32
C VAL A 54 19.63 15.20 3.02
N VAL A 55 20.73 15.49 2.30
CA VAL A 55 22.05 15.50 2.96
C VAL A 55 22.70 16.87 3.13
N ALA A 56 22.17 17.89 2.50
CA ALA A 56 22.75 19.21 2.65
C ALA A 56 21.74 20.25 2.27
N GLY A 57 22.11 21.50 2.50
CA GLY A 57 21.23 22.58 2.10
C GLY A 57 20.07 22.95 2.99
N LYS A 58 19.21 23.77 2.42
CA LYS A 58 18.04 24.32 3.04
C LYS A 58 17.11 23.35 3.75
N TYR A 59 16.89 22.18 3.15
CA TYR A 59 15.96 21.19 3.74
C TYR A 59 16.61 20.02 4.49
N HIS A 60 17.92 20.13 4.74
CA HIS A 60 18.63 19.08 5.43
C HIS A 60 18.23 18.98 6.89
N ILE A 61 18.28 20.10 7.60
CA ILE A 61 17.95 20.10 9.01
C ILE A 61 16.80 21.12 9.15
N ILE A 62 15.66 20.65 9.62
CA ILE A 62 14.48 21.49 9.76
C ILE A 62 14.37 22.08 11.16
N ASN A 63 14.13 23.38 11.24
CA ASN A 63 13.93 23.99 12.53
C ASN A 63 12.79 24.96 12.32
N ASN A 64 11.58 24.55 12.71
CA ASN A 64 10.39 25.37 12.55
C ASN A 64 10.16 26.38 13.66
N LYS A 65 11.06 26.41 14.63
CA LYS A 65 10.97 27.42 15.68
C LYS A 65 11.67 28.68 15.10
N THR A 66 12.83 28.48 14.49
CA THR A 66 13.53 29.62 13.90
C THR A 66 12.99 29.94 12.51
N ASN A 67 12.46 28.91 11.83
CA ASN A 67 11.95 29.10 10.47
C ASN A 67 10.63 28.39 10.32
N PRO A 68 9.57 28.93 10.93
CA PRO A 68 8.25 28.27 10.83
C PRO A 68 7.70 28.22 9.42
N GLU A 69 8.25 29.04 8.53
CA GLU A 69 7.76 29.07 7.16
C GLU A 69 8.22 27.89 6.31
N ILE A 70 9.31 27.22 6.72
CA ILE A 70 9.87 26.08 5.97
C ILE A 70 9.09 24.82 6.34
N LYS A 71 8.05 24.54 5.55
CA LYS A 71 7.15 23.43 5.86
C LYS A 71 6.84 22.48 4.70
N SER A 72 7.47 22.70 3.57
CA SER A 72 7.21 21.83 2.41
C SER A 72 8.25 22.06 1.35
N PHE A 73 8.39 21.07 0.47
CA PHE A 73 9.26 21.18 -0.69
C PHE A 73 8.80 20.16 -1.71
N THR A 74 9.34 20.27 -2.92
CA THR A 74 8.88 19.42 -4.04
C THR A 74 10.01 18.82 -4.81
N ILE A 75 9.78 17.60 -5.29
CA ILE A 75 10.73 16.89 -6.10
C ILE A 75 9.92 16.45 -7.28
N LYS A 76 10.37 16.83 -8.46
CA LYS A 76 9.67 16.51 -9.70
C LYS A 76 10.47 15.58 -10.62
N LEU A 77 9.80 14.57 -11.17
CA LEU A 77 10.41 13.67 -12.14
C LEU A 77 9.62 13.95 -13.40
N LEU A 78 10.31 14.44 -14.44
CA LEU A 78 9.65 14.78 -15.71
C LEU A 78 10.10 13.80 -16.76
N PHE A 79 9.13 13.30 -17.53
CA PHE A 79 9.42 12.31 -18.55
C PHE A 79 8.94 12.79 -19.90
N ASN A 80 9.68 12.36 -20.93
CA ASN A 80 9.28 12.72 -22.29
C ASN A 80 8.32 11.64 -22.77
N LYS A 81 7.90 11.70 -24.03
CA LYS A 81 6.92 10.73 -24.53
C LYS A 81 7.42 9.31 -24.49
N ASN A 82 8.72 9.12 -24.36
CA ASN A 82 9.21 7.76 -24.31
C ASN A 82 9.42 7.24 -22.90
N GLY A 83 9.10 8.06 -21.90
CA GLY A 83 9.28 7.64 -20.52
C GLY A 83 10.67 7.93 -20.02
N VAL A 84 11.43 8.69 -20.82
CA VAL A 84 12.80 9.06 -20.46
C VAL A 84 12.81 10.30 -19.57
N LEU A 85 13.59 10.20 -18.50
CA LEU A 85 13.67 11.30 -17.55
C LEU A 85 14.35 12.51 -18.18
N LEU A 86 13.75 13.68 -18.01
CA LEU A 86 14.31 14.92 -18.56
C LEU A 86 15.29 15.56 -17.59
N ASP A 87 16.35 16.16 -18.16
CA ASP A 87 17.44 16.83 -17.43
C ASP A 87 17.02 17.86 -16.38
N ASN A 88 15.92 18.56 -16.63
CA ASN A 88 15.50 19.55 -15.67
C ASN A 88 14.67 18.96 -14.48
N SER A 89 14.59 17.64 -14.39
CA SER A 89 13.89 17.02 -13.23
C SER A 89 14.81 17.25 -12.02
N ASN A 90 14.26 17.17 -10.81
CA ASN A 90 15.13 17.31 -9.64
C ASN A 90 16.06 16.13 -9.52
N LEU A 91 15.56 14.97 -9.92
CA LEU A 91 16.34 13.74 -9.91
C LEU A 91 17.35 13.76 -11.06
N GLY A 92 18.61 13.40 -10.79
CA GLY A 92 19.62 13.40 -11.85
C GLY A 92 19.44 12.20 -12.77
N LYS A 93 19.73 12.34 -14.07
CA LYS A 93 19.58 11.22 -15.00
C LYS A 93 20.59 10.08 -14.87
N ALA A 94 21.80 10.41 -14.41
CA ALA A 94 22.89 9.43 -14.27
C ALA A 94 22.58 8.10 -13.62
N TYR A 95 21.76 8.10 -12.57
CA TYR A 95 21.47 6.79 -12.01
C TYR A 95 20.02 6.35 -11.94
N TRP A 96 19.20 6.91 -12.83
CA TRP A 96 17.83 6.50 -12.93
C TRP A 96 17.83 5.54 -14.10
N ASN A 97 17.69 4.24 -13.85
CA ASN A 97 17.73 3.31 -14.95
C ASN A 97 17.13 1.98 -14.56
N PHE A 98 17.02 1.09 -15.51
CA PHE A 98 16.51 -0.22 -15.22
C PHE A 98 17.56 -0.89 -14.38
N ARG A 99 17.07 -1.78 -13.52
CA ARG A 99 17.90 -2.51 -12.61
C ARG A 99 18.62 -3.65 -13.26
N SER A 100 19.86 -3.81 -12.80
CA SER A 100 20.77 -4.87 -13.16
C SER A 100 21.48 -5.13 -11.84
N GLY A 101 21.05 -6.17 -11.13
CA GLY A 101 21.64 -6.45 -9.83
C GLY A 101 21.42 -5.28 -8.88
N ASN A 102 22.50 -4.74 -8.30
CA ASN A 102 22.35 -3.61 -7.40
C ASN A 102 22.72 -2.28 -8.02
N SER A 103 22.68 -2.25 -9.34
CA SER A 103 22.99 -1.02 -10.05
C SER A 103 22.02 -0.95 -11.22
N ASN A 104 22.49 -0.43 -12.35
CA ASN A 104 21.66 -0.25 -13.52
C ASN A 104 22.20 -0.92 -14.78
N VAL A 105 21.33 -1.10 -15.77
CA VAL A 105 21.75 -1.68 -17.04
C VAL A 105 22.76 -0.68 -17.66
N SER A 106 23.65 -1.20 -18.51
CA SER A 106 24.73 -0.43 -19.15
C SER A 106 24.57 1.01 -19.70
N THR A 107 23.36 1.50 -20.02
CA THR A 107 23.33 2.87 -20.54
C THR A 107 22.23 3.89 -20.33
N ALA A 108 21.02 3.55 -20.73
CA ALA A 108 19.92 4.49 -20.56
C ALA A 108 18.80 3.87 -21.32
N TYR A 109 17.74 3.55 -20.62
CA TYR A 109 16.65 2.96 -21.32
C TYR A 109 16.23 4.02 -22.35
N GLU A 110 15.55 3.59 -23.39
CA GLU A 110 15.09 4.56 -24.38
C GLU A 110 13.58 4.58 -24.24
N LYS A 111 13.06 3.47 -23.74
CA LYS A 111 11.64 3.30 -23.58
C LYS A 111 11.29 2.82 -22.18
N ALA A 112 10.20 3.37 -21.63
CA ALA A 112 9.74 2.98 -20.31
C ALA A 112 8.31 3.46 -20.21
N ILE A 113 7.63 3.55 -21.35
CA ILE A 113 6.26 4.05 -21.35
C ILE A 113 5.34 3.18 -20.47
N GLY A 114 5.71 1.92 -20.30
CA GLY A 114 4.92 1.00 -19.50
C GLY A 114 5.00 1.30 -18.01
N PHE A 115 5.87 2.23 -17.65
CA PHE A 115 6.06 2.62 -16.25
C PHE A 115 5.47 4.00 -16.00
N MET A 116 4.97 4.63 -17.05
CA MET A 116 4.42 5.97 -16.92
C MET A 116 3.00 5.96 -16.40
N PRO A 117 2.61 7.02 -15.68
CA PRO A 117 1.24 7.13 -15.13
C PRO A 117 0.27 7.31 -16.27
N ASN A 118 -0.80 6.52 -16.24
CA ASN A 118 -1.83 6.48 -17.26
C ASN A 118 -2.47 7.85 -17.47
N LEU A 119 -2.47 8.35 -18.72
CA LEU A 119 -3.04 9.66 -18.99
C LEU A 119 -4.57 9.77 -18.96
N VAL A 120 -5.28 8.66 -19.15
CA VAL A 120 -6.75 8.73 -19.06
C VAL A 120 -7.13 8.81 -17.58
N ALA A 121 -6.47 7.98 -16.76
CA ALA A 121 -6.69 7.98 -15.32
C ALA A 121 -6.24 9.30 -14.71
N TYR A 122 -5.09 9.80 -15.20
CA TYR A 122 -4.46 11.01 -14.64
C TYR A 122 -4.11 11.97 -15.79
N PRO A 123 -5.10 12.76 -16.22
CA PRO A 123 -4.85 13.70 -17.33
C PRO A 123 -3.94 14.86 -17.01
N LYS A 124 -3.23 15.36 -18.03
CA LYS A 124 -2.40 16.56 -17.87
C LYS A 124 -3.36 17.72 -17.58
N PRO A 125 -2.85 18.79 -17.00
CA PRO A 125 -3.70 19.95 -16.69
C PRO A 125 -4.41 20.47 -17.94
N SER A 126 -5.64 20.94 -17.79
CA SER A 126 -6.47 21.46 -18.88
C SER A 126 -7.57 22.25 -18.22
N ASN A 127 -8.56 22.74 -18.96
CA ASN A 127 -9.56 23.46 -18.18
C ASN A 127 -10.75 22.53 -17.88
N SER A 128 -10.57 21.22 -18.12
CA SER A 128 -11.64 20.26 -17.75
C SER A 128 -11.45 20.14 -16.25
N LYS A 129 -12.45 19.58 -15.56
CA LYS A 129 -12.38 19.46 -14.13
C LYS A 129 -11.18 18.62 -13.69
N LYS A 130 -10.51 19.08 -12.64
CA LYS A 130 -9.36 18.34 -12.15
C LYS A 130 -9.88 17.44 -11.02
N TYR A 131 -9.80 16.13 -11.22
CA TYR A 131 -10.23 15.17 -10.24
C TYR A 131 -9.07 14.75 -9.33
N ALA A 132 -9.40 14.43 -8.10
CA ALA A 132 -8.40 14.06 -7.12
C ALA A 132 -7.81 12.68 -7.29
N ARG A 133 -8.34 11.86 -8.18
CA ARG A 133 -7.76 10.55 -8.23
C ARG A 133 -6.33 10.49 -8.74
N ASP A 134 -5.79 11.61 -9.32
CA ASP A 134 -4.37 11.60 -9.72
C ASP A 134 -3.43 11.87 -8.56
N ILE A 135 -3.95 11.84 -7.34
CA ILE A 135 -3.14 12.04 -6.14
C ILE A 135 -3.22 10.82 -5.24
N VAL A 136 -2.08 10.51 -4.60
CA VAL A 136 -2.01 9.46 -3.57
C VAL A 136 -1.34 10.12 -2.38
N TYR A 137 -1.97 10.08 -1.22
CA TYR A 137 -1.35 10.63 -0.03
C TYR A 137 -0.80 9.49 0.84
N GLY A 138 0.33 9.73 1.47
CA GLY A 138 0.89 8.74 2.36
C GLY A 138 1.57 9.50 3.46
N THR A 139 1.91 8.79 4.53
CA THR A 139 2.59 9.46 5.64
C THR A 139 3.88 8.71 5.85
N ILE A 140 5.00 9.42 5.95
CA ILE A 140 6.29 8.78 6.23
C ILE A 140 6.85 9.41 7.50
N TYR A 141 7.91 8.84 8.06
CA TYR A 141 8.40 9.34 9.33
C TYR A 141 9.87 9.73 9.28
N LEU A 142 10.20 10.89 9.81
CA LEU A 142 11.60 11.35 9.76
C LEU A 142 12.44 10.63 10.78
N GLY A 143 13.60 10.17 10.34
CA GLY A 143 14.51 9.47 11.22
C GLY A 143 13.93 8.16 11.73
N GLY A 144 12.83 7.72 11.13
CA GLY A 144 12.19 6.49 11.59
C GLY A 144 11.47 6.64 12.94
N LYS A 145 11.31 7.87 13.42
CA LYS A 145 10.65 8.09 14.72
C LYS A 145 9.13 8.19 14.52
N PRO A 146 8.34 7.44 15.31
CA PRO A 146 6.88 7.44 15.18
C PRO A 146 6.21 8.76 15.46
N ASP A 147 6.88 9.64 16.19
CA ASP A 147 6.29 10.95 16.49
C ASP A 147 6.79 12.05 15.53
N GLN A 148 7.38 11.64 14.40
CA GLN A 148 7.82 12.59 13.36
C GLN A 148 7.23 12.34 11.98
N PRO A 149 5.90 12.45 11.86
CA PRO A 149 5.30 12.22 10.56
C PRO A 149 5.48 13.40 9.63
N ALA A 150 5.49 13.11 8.35
CA ALA A 150 5.52 14.12 7.32
C ALA A 150 4.65 13.49 6.23
N VAL A 151 3.98 14.33 5.49
CA VAL A 151 3.10 13.86 4.42
C VAL A 151 3.90 13.77 3.13
N ILE A 152 3.73 12.67 2.41
CA ILE A 152 4.29 12.61 1.07
C ILE A 152 3.05 12.54 0.17
N LYS A 153 2.91 13.57 -0.63
CA LYS A 153 1.79 13.62 -1.56
C LYS A 153 2.39 13.35 -2.92
N THR A 154 1.84 12.38 -3.62
CA THR A 154 2.36 12.05 -4.94
C THR A 154 1.27 12.39 -5.94
N THR A 155 1.62 13.15 -6.98
CA THR A 155 0.61 13.53 -7.97
C THR A 155 1.14 13.08 -9.32
N PHE A 156 0.26 12.54 -10.15
CA PHE A 156 0.63 12.08 -11.46
C PHE A 156 0.20 13.02 -12.57
N ASN A 157 1.15 13.27 -13.48
CA ASN A 157 0.91 14.05 -14.69
C ASN A 157 0.37 15.45 -14.50
N GLN A 158 0.83 16.17 -13.49
CA GLN A 158 0.31 17.52 -13.32
C GLN A 158 1.34 18.59 -13.63
N GLU A 159 2.53 18.20 -14.03
CA GLU A 159 3.60 19.20 -14.33
C GLU A 159 3.48 19.52 -15.81
N THR A 160 4.08 20.62 -16.26
CA THR A 160 4.05 20.93 -17.70
C THR A 160 5.48 20.81 -18.26
N GLY A 161 5.62 20.86 -19.57
CA GLY A 161 6.95 20.74 -20.17
C GLY A 161 7.39 19.29 -20.15
N CYS A 162 6.43 18.39 -20.29
CA CYS A 162 6.71 16.96 -20.25
C CYS A 162 5.44 16.22 -20.68
N GLU A 163 5.60 14.96 -21.06
CA GLU A 163 4.47 14.12 -21.42
C GLU A 163 3.87 13.43 -20.17
N TYR A 164 4.74 13.03 -19.26
CA TYR A 164 4.33 12.35 -18.00
C TYR A 164 5.11 12.93 -16.85
N SER A 165 4.58 12.83 -15.64
CA SER A 165 5.37 13.32 -14.53
C SER A 165 4.91 12.64 -13.26
N ILE A 166 5.80 12.64 -12.30
CA ILE A 166 5.48 12.14 -10.98
C ILE A 166 6.08 13.23 -10.12
N THR A 167 5.24 13.82 -9.28
CA THR A 167 5.67 14.87 -8.38
C THR A 167 5.50 14.42 -6.95
N PHE A 168 6.54 14.63 -6.14
CA PHE A 168 6.45 14.28 -4.73
C PHE A 168 6.45 15.59 -3.97
N ASP A 169 5.36 15.85 -3.24
CA ASP A 169 5.29 17.07 -2.45
C ASP A 169 5.40 16.65 -1.00
N PHE A 170 6.46 17.05 -0.33
CA PHE A 170 6.67 16.70 1.05
C PHE A 170 6.20 17.87 1.92
N SER A 171 5.50 17.56 3.00
CA SER A 171 5.08 18.65 3.88
C SER A 171 4.92 18.14 5.27
N TRP A 172 4.89 19.04 6.23
CA TRP A 172 4.67 18.55 7.58
C TRP A 172 4.00 19.67 8.33
N SER A 173 3.18 19.30 9.32
CA SER A 173 2.47 20.30 10.10
C SER A 173 3.05 20.37 11.52
N LYS A 174 3.88 19.39 11.91
CA LYS A 174 4.50 19.45 13.21
C LYS A 174 5.59 20.51 13.19
N THR A 175 5.89 21.07 14.36
CA THR A 175 6.93 22.10 14.48
C THR A 175 8.21 21.34 14.87
N TYR A 176 9.04 21.01 13.86
CA TYR A 176 10.25 20.26 14.11
C TYR A 176 11.41 21.15 14.51
N GLU A 177 12.27 20.62 15.38
CA GLU A 177 13.43 21.38 15.83
C GLU A 177 14.73 20.64 15.59
N ASN A 178 15.47 21.10 14.58
CA ASN A 178 16.75 20.51 14.16
C ASN A 178 16.59 19.02 13.86
N VAL A 179 15.59 18.75 13.03
CA VAL A 179 15.29 17.38 12.64
C VAL A 179 15.83 17.16 11.23
N GLU A 180 16.60 16.09 11.09
CA GLU A 180 17.20 15.75 9.81
C GLU A 180 16.15 15.14 8.88
N PHE A 181 16.06 15.67 7.67
CA PHE A 181 15.05 15.12 6.80
C PHE A 181 15.50 13.89 6.05
N GLU A 182 15.31 12.72 6.66
CA GLU A 182 15.60 11.45 5.99
C GLU A 182 14.42 10.59 6.46
N THR A 183 13.79 9.93 5.50
CA THR A 183 12.50 9.26 5.75
C THR A 183 12.40 7.75 5.72
N THR A 184 11.30 7.24 6.26
CA THR A 184 10.96 5.83 6.17
C THR A 184 10.44 5.66 4.76
N SER A 185 10.08 4.42 4.38
CA SER A 185 9.66 4.18 3.04
C SER A 185 8.15 4.06 2.93
N PHE A 186 7.62 4.42 1.77
CA PHE A 186 6.17 4.36 1.49
C PHE A 186 5.95 3.61 0.19
N THR A 187 4.90 2.80 0.12
CA THR A 187 4.56 2.01 -1.08
C THR A 187 3.19 2.45 -1.57
N PHE A 188 3.07 2.60 -2.88
CA PHE A 188 1.79 2.98 -3.46
C PHE A 188 1.80 2.37 -4.85
N SER A 189 0.72 2.53 -5.58
CA SER A 189 0.71 2.01 -6.95
C SER A 189 -0.02 3.02 -7.75
N TYR A 190 0.08 2.88 -9.05
CA TYR A 190 -0.69 3.77 -9.90
C TYR A 190 -0.95 2.98 -11.18
N ILE A 191 -1.96 3.42 -11.93
CA ILE A 191 -2.41 2.76 -13.16
C ILE A 191 -1.38 3.11 -14.25
N ALA A 192 -0.87 2.07 -14.90
CA ALA A 192 0.15 2.23 -15.93
C ALA A 192 -0.46 2.67 -17.26
N GLN A 193 0.32 3.46 -18.00
CA GLN A 193 -0.08 3.96 -19.29
C GLN A 193 -0.30 2.79 -20.24
N GLU A 194 0.62 1.85 -20.24
CA GLU A 194 0.52 0.69 -21.10
C GLU A 194 0.84 -0.52 -20.27
N THR B 12 6.02 -20.81 -6.71
CA THR B 12 7.38 -20.35 -6.29
C THR B 12 7.49 -18.82 -6.23
N ARG B 13 6.40 -18.13 -6.57
CA ARG B 13 6.36 -16.68 -6.54
C ARG B 13 5.79 -16.20 -5.20
N THR B 14 5.35 -17.13 -4.36
CA THR B 14 4.76 -16.77 -3.08
C THR B 14 5.25 -17.57 -1.92
N LEU B 15 5.74 -16.87 -0.92
CA LEU B 15 6.17 -17.51 0.32
C LEU B 15 5.09 -17.09 1.30
N TRP B 16 4.52 -18.05 2.03
CA TRP B 16 3.47 -17.65 2.95
C TRP B 16 3.29 -18.57 4.11
N THR B 17 2.42 -18.15 5.01
CA THR B 17 2.08 -18.91 6.21
C THR B 17 0.83 -19.82 6.03
N THR B 18 0.24 -19.78 4.84
CA THR B 18 -1.03 -20.41 4.41
C THR B 18 -2.06 -19.47 5.06
N PRO B 19 -3.29 -19.45 4.54
CA PRO B 19 -4.34 -18.57 5.09
C PRO B 19 -5.28 -19.13 6.14
N ASP B 20 -4.93 -20.26 6.78
CA ASP B 20 -5.86 -20.78 7.78
C ASP B 20 -5.68 -20.02 9.06
N THR B 21 -6.37 -20.44 10.11
CA THR B 21 -6.20 -19.73 11.37
C THR B 21 -5.51 -20.59 12.42
N SER B 22 -4.79 -21.61 12.00
CA SER B 22 -4.05 -22.47 12.95
C SER B 22 -2.81 -21.68 13.47
N PRO B 23 -2.68 -21.54 14.79
CA PRO B 23 -1.54 -20.79 15.37
C PRO B 23 -0.20 -21.26 14.84
N ASN B 24 0.67 -20.32 14.48
CA ASN B 24 1.98 -20.62 13.92
C ASN B 24 3.04 -19.70 14.46
N CYS B 25 2.69 -18.90 15.45
CA CYS B 25 3.64 -17.92 15.91
C CYS B 25 3.66 -17.86 17.42
N THR B 26 4.84 -17.63 17.99
CA THR B 26 5.03 -17.53 19.43
C THR B 26 5.42 -16.11 19.75
N ILE B 27 4.55 -15.36 20.40
CA ILE B 27 4.91 -14.00 20.74
C ILE B 27 5.40 -14.00 22.19
N ALA B 28 4.56 -14.52 23.07
CA ALA B 28 4.90 -14.59 24.49
C ALA B 28 4.87 -16.05 24.97
N GLN B 29 4.07 -16.90 24.32
CA GLN B 29 4.02 -18.32 24.69
C GLN B 29 3.79 -19.10 23.44
N ASP B 30 4.17 -20.37 23.48
CA ASP B 30 4.06 -21.27 22.35
C ASP B 30 2.76 -21.21 21.54
N LYS B 31 2.90 -20.92 20.25
CA LYS B 31 1.78 -20.83 19.35
C LYS B 31 0.60 -20.07 19.93
N ASP B 32 0.87 -18.85 20.38
CA ASP B 32 -0.18 -18.02 20.94
C ASP B 32 -0.83 -17.13 19.88
N SER B 33 -0.42 -17.30 18.63
CA SER B 33 -0.97 -16.46 17.57
C SER B 33 -0.82 -17.03 16.18
N LYS B 34 -1.62 -16.49 15.27
CA LYS B 34 -1.52 -16.86 13.88
C LYS B 34 -1.07 -15.58 13.15
N LEU B 35 0.15 -15.61 12.63
CA LEU B 35 0.64 -14.51 11.83
C LEU B 35 0.32 -14.90 10.41
N THR B 36 -0.51 -14.13 9.71
CA THR B 36 -0.76 -14.48 8.32
C THR B 36 0.09 -13.52 7.54
N LEU B 37 1.07 -14.05 6.82
CA LEU B 37 1.97 -13.23 6.03
C LEU B 37 2.09 -13.89 4.70
N VAL B 38 1.93 -13.08 3.67
CA VAL B 38 2.06 -13.53 2.31
C VAL B 38 3.08 -12.61 1.63
N LEU B 39 4.14 -13.18 1.08
CA LEU B 39 5.16 -12.42 0.38
C LEU B 39 5.05 -12.86 -1.05
N THR B 40 4.75 -11.92 -1.92
CA THR B 40 4.59 -12.26 -3.32
C THR B 40 5.65 -11.51 -4.07
N LYS B 41 6.49 -12.26 -4.78
CA LYS B 41 7.56 -11.61 -5.48
C LYS B 41 7.09 -10.97 -6.77
N CYS B 42 7.29 -9.66 -6.85
CA CYS B 42 6.95 -8.90 -8.04
C CYS B 42 8.30 -8.36 -8.52
N GLY B 43 9.17 -9.28 -8.92
CA GLY B 43 10.46 -8.89 -9.40
C GLY B 43 11.38 -8.33 -8.33
N SER B 44 11.88 -7.13 -8.57
CA SER B 44 12.79 -6.51 -7.65
C SER B 44 12.09 -6.02 -6.38
N GLN B 45 10.76 -6.15 -6.31
CA GLN B 45 10.03 -5.74 -5.07
C GLN B 45 9.20 -6.89 -4.55
N ILE B 46 9.11 -6.99 -3.24
CA ILE B 46 8.28 -8.03 -2.65
C ILE B 46 6.98 -7.32 -2.20
N LEU B 47 5.81 -7.83 -2.57
CA LEU B 47 4.50 -7.25 -2.15
C LEU B 47 4.09 -8.09 -0.94
N ALA B 48 3.90 -7.44 0.22
CA ALA B 48 3.61 -8.21 1.44
C ALA B 48 2.25 -7.89 2.00
N ASN B 49 1.57 -8.90 2.52
CA ASN B 49 0.23 -8.69 3.10
C ASN B 49 0.33 -9.36 4.45
N VAL B 50 -0.08 -8.66 5.49
CA VAL B 50 0.10 -9.24 6.82
C VAL B 50 -1.09 -8.93 7.72
N SER B 51 -1.39 -9.86 8.64
CA SER B 51 -2.38 -9.62 9.65
C SER B 51 -1.98 -10.53 10.80
N LEU B 52 -2.55 -10.24 11.96
CA LEU B 52 -2.25 -11.04 13.15
C LEU B 52 -3.49 -11.34 13.96
N ILE B 53 -3.58 -12.60 14.41
CA ILE B 53 -4.65 -13.02 15.29
C ILE B 53 -3.94 -13.60 16.51
N VAL B 54 -4.13 -13.00 17.68
CA VAL B 54 -3.54 -13.57 18.89
C VAL B 54 -4.71 -14.36 19.49
N VAL B 55 -4.46 -15.61 19.84
CA VAL B 55 -5.50 -16.49 20.37
C VAL B 55 -5.34 -16.78 21.86
N ALA B 56 -4.16 -16.55 22.40
CA ALA B 56 -3.93 -16.87 23.80
C ALA B 56 -2.76 -16.11 24.39
N GLY B 57 -2.62 -16.20 25.70
CA GLY B 57 -1.50 -15.52 26.32
C GLY B 57 -1.64 -14.04 26.56
N LYS B 58 -0.49 -13.50 26.95
CA LYS B 58 -0.31 -12.12 27.33
C LYS B 58 -0.90 -11.04 26.42
N TYR B 59 -0.85 -11.28 25.13
CA TYR B 59 -1.29 -10.28 24.15
C TYR B 59 -2.62 -10.61 23.50
N HIS B 60 -3.30 -11.62 24.02
CA HIS B 60 -4.58 -12.00 23.48
C HIS B 60 -5.65 -10.95 23.75
N ILE B 61 -5.90 -10.62 25.03
CA ILE B 61 -6.92 -9.60 25.41
C ILE B 61 -6.12 -8.44 25.96
N ILE B 62 -6.27 -7.26 25.38
CA ILE B 62 -5.49 -6.14 25.89
C ILE B 62 -6.36 -5.38 26.88
N ASN B 63 -5.78 -5.04 28.02
CA ASN B 63 -6.53 -4.21 28.95
C ASN B 63 -5.48 -3.31 29.61
N ASN B 64 -5.39 -2.07 29.14
CA ASN B 64 -4.42 -1.15 29.68
C ASN B 64 -4.80 -0.48 30.97
N LYS B 65 -6.02 -0.72 31.45
CA LYS B 65 -6.43 -0.16 32.75
C LYS B 65 -5.74 -1.09 33.72
N THR B 66 -5.81 -2.38 33.42
CA THR B 66 -5.18 -3.38 34.26
C THR B 66 -3.67 -3.46 34.08
N ASN B 67 -3.21 -3.34 32.84
CA ASN B 67 -1.80 -3.44 32.53
C ASN B 67 -1.42 -2.30 31.59
N PRO B 68 -1.28 -1.08 32.14
CA PRO B 68 -0.94 0.09 31.32
C PRO B 68 0.42 -0.08 30.65
N GLU B 69 1.24 -0.97 31.18
CA GLU B 69 2.57 -1.21 30.66
C GLU B 69 2.66 -1.99 29.34
N ILE B 70 1.64 -2.79 29.05
CA ILE B 70 1.60 -3.62 27.85
C ILE B 70 1.14 -2.76 26.69
N LYS B 71 2.10 -2.24 25.95
CA LYS B 71 1.78 -1.34 24.85
C LYS B 71 2.44 -1.75 23.53
N SER B 72 3.14 -2.88 23.50
CA SER B 72 3.84 -3.28 22.28
C SER B 72 4.41 -4.67 22.39
N PHE B 73 4.72 -5.27 21.25
CA PHE B 73 5.36 -6.58 21.18
C PHE B 73 6.01 -6.71 19.80
N THR B 74 6.88 -7.69 19.66
CA THR B 74 7.62 -7.82 18.43
C THR B 74 7.56 -9.22 17.90
N ILE B 75 7.52 -9.32 16.59
CA ILE B 75 7.56 -10.63 15.94
C ILE B 75 8.74 -10.56 14.97
N LYS B 76 9.69 -11.50 15.11
CA LYS B 76 10.85 -11.47 14.25
C LYS B 76 10.99 -12.67 13.35
N LEU B 77 11.32 -12.40 12.10
CA LEU B 77 11.59 -13.45 11.13
C LEU B 77 13.09 -13.28 10.77
N LEU B 78 13.90 -14.28 11.11
CA LEU B 78 15.35 -14.25 10.85
C LEU B 78 15.66 -15.29 9.78
N PHE B 79 16.50 -14.92 8.84
CA PHE B 79 16.83 -15.78 7.72
C PHE B 79 18.33 -15.93 7.53
N ASN B 80 18.78 -17.09 7.09
CA ASN B 80 20.22 -17.23 6.84
C ASN B 80 20.53 -16.78 5.43
N LYS B 81 21.77 -17.03 5.02
CA LYS B 81 22.22 -16.65 3.69
C LYS B 81 21.38 -17.17 2.56
N ASN B 82 20.68 -18.29 2.76
CA ASN B 82 19.87 -18.86 1.69
C ASN B 82 18.41 -18.39 1.73
N GLY B 83 18.07 -17.52 2.69
CA GLY B 83 16.70 -17.05 2.76
C GLY B 83 15.86 -18.01 3.56
N VAL B 84 16.51 -18.95 4.24
CA VAL B 84 15.78 -19.92 5.05
C VAL B 84 15.55 -19.41 6.46
N LEU B 85 14.32 -19.62 6.94
CA LEU B 85 13.90 -19.13 8.24
C LEU B 85 14.62 -19.84 9.35
N LEU B 86 15.26 -19.07 10.23
CA LEU B 86 15.96 -19.65 11.35
C LEU B 86 14.98 -20.01 12.44
N ASP B 87 15.29 -21.07 13.18
CA ASP B 87 14.43 -21.55 14.24
C ASP B 87 14.28 -20.58 15.40
N ASN B 88 15.15 -19.57 15.52
CA ASN B 88 14.92 -18.65 16.63
C ASN B 88 13.94 -17.52 16.23
N SER B 89 13.27 -17.66 15.10
CA SER B 89 12.27 -16.66 14.67
C SER B 89 11.04 -16.90 15.49
N ASN B 90 10.17 -15.87 15.62
CA ASN B 90 8.95 -16.07 16.36
C ASN B 90 7.97 -16.90 15.55
N LEU B 91 8.13 -16.86 14.23
CA LEU B 91 7.27 -17.64 13.34
C LEU B 91 7.86 -19.05 13.23
N GLY B 92 6.99 -20.06 13.29
CA GLY B 92 7.42 -21.44 13.18
C GLY B 92 7.81 -21.83 11.76
N LYS B 93 8.84 -22.65 11.64
CA LYS B 93 9.29 -23.08 10.33
C LYS B 93 8.31 -24.04 9.67
N ALA B 94 7.53 -24.76 10.48
CA ALA B 94 6.60 -25.78 9.99
C ALA B 94 5.75 -25.40 8.81
N TYR B 95 5.04 -24.28 8.91
CA TYR B 95 4.21 -23.89 7.78
C TYR B 95 4.60 -22.59 7.10
N TRP B 96 5.91 -22.33 6.99
CA TRP B 96 6.37 -21.14 6.27
C TRP B 96 7.03 -21.79 5.08
N ASN B 97 6.40 -21.67 3.92
CA ASN B 97 6.88 -22.30 2.70
C ASN B 97 6.22 -21.68 1.48
N PHE B 98 6.71 -22.09 0.32
CA PHE B 98 6.12 -21.65 -0.92
C PHE B 98 4.72 -22.24 -0.94
N ARG B 99 3.83 -21.54 -1.60
CA ARG B 99 2.46 -21.96 -1.68
C ARG B 99 2.14 -23.07 -2.68
N SER B 100 1.09 -23.82 -2.38
CA SER B 100 0.52 -24.87 -3.22
C SER B 100 -0.99 -24.82 -2.88
N GLY B 101 -1.82 -24.21 -3.72
CA GLY B 101 -3.23 -24.15 -3.39
C GLY B 101 -3.44 -23.34 -2.10
N ASN B 102 -4.23 -23.84 -1.17
CA ASN B 102 -4.41 -23.10 0.07
C ASN B 102 -3.46 -23.66 1.14
N SER B 103 -2.46 -24.42 0.71
CA SER B 103 -1.51 -24.96 1.66
C SER B 103 -0.10 -24.67 1.18
N ASN B 104 0.84 -25.51 1.59
CA ASN B 104 2.22 -25.31 1.18
C ASN B 104 2.73 -26.48 0.32
N VAL B 105 3.95 -26.35 -0.18
CA VAL B 105 4.55 -27.44 -0.94
C VAL B 105 4.91 -28.47 0.15
N SER B 106 4.98 -29.74 -0.21
CA SER B 106 5.28 -30.76 0.78
C SER B 106 6.64 -30.59 1.43
N THR B 107 7.66 -30.34 0.61
CA THR B 107 9.01 -30.19 1.15
C THR B 107 9.50 -28.77 1.46
N ALA B 108 10.19 -28.63 2.59
CA ALA B 108 10.77 -27.37 3.05
C ALA B 108 11.70 -26.79 2.00
N TYR B 109 11.51 -25.52 1.68
CA TYR B 109 12.36 -24.91 0.67
C TYR B 109 13.78 -24.76 1.17
N GLU B 110 14.73 -24.65 0.24
CA GLU B 110 16.11 -24.50 0.67
C GLU B 110 16.73 -23.18 0.24
N LYS B 111 16.07 -22.46 -0.66
CA LYS B 111 16.59 -21.15 -1.10
C LYS B 111 15.47 -20.16 -1.43
N ALA B 112 15.56 -18.97 -0.85
CA ALA B 112 14.55 -17.94 -1.10
C ALA B 112 15.21 -16.56 -1.05
N ILE B 113 16.43 -16.45 -1.58
CA ILE B 113 17.16 -15.18 -1.53
C ILE B 113 16.43 -14.06 -2.26
N GLY B 114 15.62 -14.41 -3.24
CA GLY B 114 14.91 -13.39 -3.98
C GLY B 114 13.74 -12.80 -3.20
N PHE B 115 13.45 -13.33 -2.01
CA PHE B 115 12.37 -12.79 -1.15
C PHE B 115 12.96 -12.00 -0.01
N MET B 116 14.31 -11.96 0.06
CA MET B 116 14.97 -11.28 1.15
C MET B 116 15.08 -9.78 0.95
N PRO B 117 15.06 -9.02 2.05
CA PRO B 117 15.17 -7.56 1.92
C PRO B 117 16.61 -7.22 1.50
N ASN B 118 16.72 -6.35 0.51
CA ASN B 118 17.98 -5.94 -0.09
C ASN B 118 18.91 -5.31 0.91
N LEU B 119 20.13 -5.86 1.00
CA LEU B 119 21.14 -5.35 1.93
C LEU B 119 21.77 -4.01 1.63
N VAL B 120 21.76 -3.52 0.41
CA VAL B 120 22.32 -2.22 0.15
C VAL B 120 21.24 -1.18 0.53
N ALA B 121 19.98 -1.47 0.18
CA ALA B 121 18.85 -0.60 0.56
C ALA B 121 18.69 -0.59 2.07
N TYR B 122 18.80 -1.77 2.66
CA TYR B 122 18.58 -1.97 4.10
C TYR B 122 19.77 -2.72 4.70
N PRO B 123 20.86 -2.01 4.98
CA PRO B 123 22.06 -2.65 5.56
C PRO B 123 21.96 -3.07 6.98
N LYS B 124 22.78 -4.06 7.35
CA LYS B 124 22.83 -4.51 8.72
C LYS B 124 23.48 -3.37 9.49
N PRO B 125 23.26 -3.34 10.81
CA PRO B 125 23.83 -2.30 11.68
C PRO B 125 25.37 -2.29 11.48
N SER B 126 25.96 -1.11 11.52
CA SER B 126 27.43 -0.98 11.40
C SER B 126 27.79 0.36 12.03
N ASN B 127 29.02 0.85 11.82
CA ASN B 127 29.31 2.17 12.36
C ASN B 127 29.09 3.23 11.25
N SER B 128 28.54 2.82 10.11
CA SER B 128 28.18 3.74 9.01
C SER B 128 26.86 4.46 9.48
N LYS B 129 26.47 5.56 8.85
CA LYS B 129 25.22 6.27 9.28
C LYS B 129 23.99 5.38 9.03
N LYS B 130 23.07 5.27 10.01
CA LYS B 130 21.88 4.41 9.88
C LYS B 130 20.74 5.26 9.32
N TYR B 131 20.12 4.83 8.22
CA TYR B 131 19.05 5.63 7.62
C TYR B 131 17.68 5.00 7.88
N ALA B 132 16.63 5.81 7.87
CA ALA B 132 15.30 5.29 8.15
C ALA B 132 14.61 4.53 7.01
N ARG B 133 15.23 4.41 5.85
CA ARG B 133 14.47 3.77 4.81
C ARG B 133 14.25 2.28 5.00
N ASP B 134 14.97 1.68 5.94
CA ASP B 134 14.72 0.28 6.22
C ASP B 134 13.49 0.05 7.11
N ILE B 135 12.66 1.10 7.27
CA ILE B 135 11.41 0.95 8.07
C ILE B 135 10.19 1.35 7.26
N VAL B 136 9.08 0.65 7.50
CA VAL B 136 7.76 1.00 6.95
C VAL B 136 6.76 1.03 8.12
N TYR B 137 6.01 2.13 8.27
CA TYR B 137 4.97 2.20 9.28
C TYR B 137 3.59 2.03 8.65
N GLY B 138 2.69 1.33 9.36
CA GLY B 138 1.32 1.23 8.89
C GLY B 138 0.44 1.23 10.11
N THR B 139 -0.87 1.37 9.92
CA THR B 139 -1.80 1.31 11.04
C THR B 139 -2.81 0.18 10.73
N ILE B 140 -3.11 -0.66 11.71
CA ILE B 140 -4.17 -1.68 11.50
C ILE B 140 -5.20 -1.47 12.60
N TYR B 141 -6.33 -2.16 12.53
CA TYR B 141 -7.41 -1.94 13.50
C TYR B 141 -7.84 -3.17 14.18
N LEU B 142 -7.87 -3.10 15.50
CA LEU B 142 -8.22 -4.29 16.28
C LEU B 142 -9.71 -4.59 16.22
N GLY B 143 -10.01 -5.86 15.97
CA GLY B 143 -11.37 -6.31 15.85
C GLY B 143 -12.08 -5.68 14.67
N GLY B 144 -11.34 -5.00 13.81
CA GLY B 144 -11.96 -4.34 12.70
C GLY B 144 -12.72 -3.08 13.09
N LYS B 145 -12.59 -2.62 14.34
CA LYS B 145 -13.29 -1.37 14.76
C LYS B 145 -12.42 -0.13 14.41
N PRO B 146 -13.01 0.84 13.73
CA PRO B 146 -12.27 2.04 13.32
C PRO B 146 -11.66 2.89 14.42
N ASP B 147 -12.22 2.81 15.62
CA ASP B 147 -11.65 3.55 16.74
C ASP B 147 -10.64 2.71 17.56
N GLN B 148 -10.15 1.61 17.00
CA GLN B 148 -9.16 0.78 17.67
C GLN B 148 -7.86 0.58 16.86
N PRO B 149 -7.20 1.66 16.50
CA PRO B 149 -5.95 1.59 15.73
C PRO B 149 -4.76 1.09 16.55
N ALA B 150 -3.84 0.41 15.86
CA ALA B 150 -2.57 0.00 16.48
C ALA B 150 -1.56 0.17 15.33
N VAL B 151 -0.33 0.47 15.67
CA VAL B 151 0.70 0.67 14.66
C VAL B 151 1.39 -0.65 14.41
N ILE B 152 1.67 -0.93 13.14
CA ILE B 152 2.50 -2.08 12.79
C ILE B 152 3.74 -1.41 12.13
N LYS B 153 4.91 -1.61 12.73
CA LYS B 153 6.16 -1.02 12.20
C LYS B 153 6.98 -2.19 11.70
N THR B 154 7.45 -2.13 10.46
CA THR B 154 8.20 -3.27 9.91
C THR B 154 9.60 -2.75 9.63
N THR B 155 10.62 -3.50 10.05
CA THR B 155 12.00 -3.08 9.83
C THR B 155 12.75 -4.21 9.15
N PHE B 156 13.60 -3.83 8.19
CA PHE B 156 14.38 -4.82 7.45
C PHE B 156 15.87 -4.83 7.81
N ASN B 157 16.34 -6.06 8.02
CA ASN B 157 17.75 -6.37 8.24
C ASN B 157 18.41 -5.69 9.42
N GLN B 158 17.68 -5.50 10.51
CA GLN B 158 18.31 -4.82 11.64
C GLN B 158 18.57 -5.78 12.78
N GLU B 159 18.22 -7.03 12.58
CA GLU B 159 18.43 -8.03 13.63
C GLU B 159 19.85 -8.57 13.44
N THR B 160 20.43 -9.16 14.48
CA THR B 160 21.76 -9.72 14.34
C THR B 160 21.61 -11.23 14.43
N GLY B 161 22.65 -11.97 14.02
CA GLY B 161 22.57 -13.41 14.06
C GLY B 161 21.77 -13.89 12.88
N CYS B 162 21.95 -13.22 11.74
CA CYS B 162 21.24 -13.60 10.54
C CYS B 162 21.81 -12.83 9.36
N GLU B 163 21.57 -13.30 8.16
CA GLU B 163 22.05 -12.59 7.00
C GLU B 163 20.96 -11.53 6.66
N TYR B 164 19.71 -11.88 6.94
CA TYR B 164 18.54 -11.00 6.65
C TYR B 164 17.48 -11.16 7.73
N SER B 165 16.63 -10.14 7.88
CA SER B 165 15.56 -10.21 8.85
C SER B 165 14.39 -9.29 8.47
N ILE B 166 13.20 -9.68 8.92
CA ILE B 166 11.98 -8.80 8.79
C ILE B 166 11.42 -8.80 10.20
N THR B 167 11.21 -7.62 10.78
CA THR B 167 10.75 -7.52 12.14
C THR B 167 9.46 -6.71 12.19
N PHE B 168 8.44 -7.24 12.85
CA PHE B 168 7.17 -6.50 12.97
C PHE B 168 7.06 -6.06 14.39
N ASP B 169 6.95 -4.75 14.60
CA ASP B 169 6.82 -4.21 15.95
C ASP B 169 5.40 -3.66 16.01
N PHE B 170 4.56 -4.23 16.85
CA PHE B 170 3.18 -3.77 16.98
C PHE B 170 3.12 -2.92 18.25
N SER B 171 2.36 -1.85 18.25
CA SER B 171 2.24 -0.99 19.42
C SER B 171 0.96 -0.18 19.31
N TRP B 172 0.52 0.35 20.44
CA TRP B 172 -0.69 1.16 20.41
C TRP B 172 -0.53 2.18 21.52
N SER B 173 -1.26 3.27 21.40
CA SER B 173 -1.12 4.32 22.37
C SER B 173 -2.44 4.60 23.06
N LYS B 174 -3.54 4.09 22.52
CA LYS B 174 -4.82 4.31 23.19
C LYS B 174 -4.92 3.36 24.41
N THR B 175 -5.77 3.67 25.40
CA THR B 175 -5.89 2.78 26.55
C THR B 175 -7.07 1.90 26.17
N TYR B 176 -6.80 0.66 25.77
CA TYR B 176 -7.87 -0.21 25.37
C TYR B 176 -8.29 -1.06 26.58
N GLU B 177 -9.57 -1.37 26.68
CA GLU B 177 -10.06 -2.17 27.79
C GLU B 177 -10.78 -3.44 27.29
N ASN B 178 -10.09 -4.56 27.44
CA ASN B 178 -10.59 -5.88 26.98
C ASN B 178 -10.83 -5.91 25.50
N VAL B 179 -9.76 -5.59 24.78
CA VAL B 179 -9.83 -5.56 23.32
C VAL B 179 -8.94 -6.69 22.87
N GLU B 180 -9.54 -7.61 22.13
CA GLU B 180 -8.84 -8.80 21.64
C GLU B 180 -7.87 -8.37 20.53
N PHE B 181 -6.63 -8.81 20.57
CA PHE B 181 -5.69 -8.38 19.54
C PHE B 181 -5.75 -9.28 18.29
N GLU B 182 -6.64 -8.93 17.37
CA GLU B 182 -6.78 -9.63 16.11
C GLU B 182 -7.00 -8.42 15.19
N THR B 183 -6.20 -8.35 14.15
CA THR B 183 -6.15 -7.19 13.30
C THR B 183 -6.75 -7.27 11.95
N THR B 184 -6.98 -6.07 11.41
CA THR B 184 -7.35 -5.98 10.00
C THR B 184 -5.99 -6.25 9.26
N SER B 185 -6.03 -6.29 7.93
CA SER B 185 -4.81 -6.59 7.15
C SER B 185 -4.13 -5.32 6.64
N PHE B 186 -2.83 -5.43 6.42
CA PHE B 186 -2.03 -4.32 5.92
C PHE B 186 -1.11 -4.79 4.82
N THR B 187 -1.00 -3.98 3.78
CA THR B 187 -0.13 -4.28 2.65
C THR B 187 1.02 -3.30 2.53
N PHE B 188 2.22 -3.81 2.21
CA PHE B 188 3.37 -2.92 2.02
C PHE B 188 4.31 -3.60 1.01
N SER B 189 5.44 -2.98 0.69
CA SER B 189 6.39 -3.69 -0.21
C SER B 189 7.80 -3.35 0.20
N TYR B 190 8.78 -4.12 -0.28
CA TYR B 190 10.17 -3.79 0.01
C TYR B 190 11.04 -4.23 -1.16
N ILE B 191 12.25 -3.69 -1.22
CA ILE B 191 13.22 -3.98 -2.30
C ILE B 191 13.87 -5.35 -2.00
N ALA B 192 13.92 -6.23 -2.98
CA ALA B 192 14.50 -7.54 -2.77
C ALA B 192 16.01 -7.58 -3.06
N GLN B 193 16.67 -8.50 -2.38
CA GLN B 193 18.12 -8.73 -2.48
C GLN B 193 18.51 -9.07 -3.93
N GLU B 194 17.72 -9.90 -4.57
CA GLU B 194 17.96 -10.23 -5.96
C GLU B 194 16.65 -10.42 -6.71
N THR C 12 -5.04 -12.61 -19.02
CA THR C 12 -6.07 -11.75 -18.37
C THR C 12 -5.59 -11.39 -16.97
N ARG C 13 -4.68 -10.43 -16.87
CA ARG C 13 -4.12 -10.05 -15.58
C ARG C 13 -4.72 -8.87 -14.84
N THR C 14 -5.62 -8.12 -15.45
CA THR C 14 -6.24 -6.99 -14.76
C THR C 14 -7.72 -6.95 -15.01
N LEU C 15 -8.50 -6.91 -13.93
CA LEU C 15 -9.95 -6.73 -14.05
C LEU C 15 -10.13 -5.27 -13.66
N TRP C 16 -10.96 -4.53 -14.37
CA TRP C 16 -11.15 -3.13 -13.99
C TRP C 16 -12.37 -2.48 -14.51
N THR C 17 -12.55 -1.24 -14.04
CA THR C 17 -13.60 -0.38 -14.56
C THR C 17 -12.67 0.52 -15.43
N THR C 18 -13.07 0.86 -16.62
CA THR C 18 -12.20 1.73 -17.40
C THR C 18 -11.92 3.01 -16.58
N PRO C 19 -10.71 3.56 -16.66
CA PRO C 19 -10.45 4.76 -15.86
C PRO C 19 -10.92 6.13 -16.34
N ASP C 20 -12.01 6.18 -17.08
CA ASP C 20 -12.56 7.43 -17.55
C ASP C 20 -13.43 7.98 -16.42
N THR C 21 -14.22 9.01 -16.71
CA THR C 21 -15.07 9.61 -15.67
C THR C 21 -16.57 9.31 -15.85
N SER C 22 -16.93 8.40 -16.73
CA SER C 22 -18.36 8.10 -16.93
C SER C 22 -18.93 7.28 -15.78
N PRO C 23 -20.09 7.70 -15.24
CA PRO C 23 -20.79 7.04 -14.13
C PRO C 23 -21.03 5.54 -14.42
N ASN C 24 -20.80 4.70 -13.43
CA ASN C 24 -20.96 3.27 -13.60
C ASN C 24 -21.51 2.59 -12.35
N CYS C 25 -21.93 3.38 -11.40
CA CYS C 25 -22.28 2.83 -10.13
C CYS C 25 -23.49 3.56 -9.58
N THR C 26 -24.30 2.83 -8.83
CA THR C 26 -25.51 3.36 -8.25
C THR C 26 -25.43 3.24 -6.77
N ILE C 27 -25.34 4.37 -6.07
CA ILE C 27 -25.26 4.31 -4.65
C ILE C 27 -26.66 4.58 -4.11
N ALA C 28 -27.17 5.76 -4.44
CA ALA C 28 -28.51 6.21 -3.97
C ALA C 28 -29.54 6.32 -5.08
N GLN C 29 -29.08 6.66 -6.27
CA GLN C 29 -29.96 6.74 -7.44
C GLN C 29 -29.13 6.24 -8.59
N ASP C 30 -29.80 5.82 -9.64
CA ASP C 30 -29.11 5.28 -10.78
C ASP C 30 -27.93 6.08 -11.34
N LYS C 31 -26.80 5.39 -11.54
CA LYS C 31 -25.60 5.99 -12.09
C LYS C 31 -25.16 7.30 -11.43
N ASP C 32 -25.26 7.34 -10.13
CA ASP C 32 -24.87 8.55 -9.45
C ASP C 32 -23.35 8.62 -9.17
N SER C 33 -22.59 7.61 -9.58
CA SER C 33 -21.15 7.69 -9.28
C SER C 33 -20.24 6.92 -10.20
N LYS C 34 -18.96 7.24 -10.15
CA LYS C 34 -17.97 6.52 -10.94
C LYS C 34 -17.00 5.91 -9.97
N LEU C 35 -17.10 4.59 -9.83
CA LEU C 35 -16.15 3.84 -9.02
C LEU C 35 -14.98 3.43 -9.96
N THR C 36 -13.73 3.83 -9.65
CA THR C 36 -12.60 3.42 -10.49
C THR C 36 -11.88 2.37 -9.66
N LEU C 37 -11.92 1.13 -10.12
CA LEU C 37 -11.33 0.01 -9.38
C LEU C 37 -10.48 -0.79 -10.36
N VAL C 38 -9.23 -1.03 -10.00
CA VAL C 38 -8.32 -1.83 -10.82
C VAL C 38 -7.79 -2.96 -9.96
N LEU C 39 -8.00 -4.21 -10.41
CA LEU C 39 -7.53 -5.40 -9.69
C LEU C 39 -6.48 -6.05 -10.57
N THR C 40 -5.25 -6.13 -10.09
CA THR C 40 -4.20 -6.73 -10.86
C THR C 40 -3.72 -7.97 -10.16
N LYS C 41 -3.71 -9.08 -10.90
CA LYS C 41 -3.28 -10.33 -10.26
C LYS C 41 -1.78 -10.46 -10.22
N CYS C 42 -1.22 -10.55 -9.02
CA CYS C 42 0.21 -10.74 -8.84
C CYS C 42 0.30 -12.11 -8.17
N GLY C 43 -0.08 -13.14 -8.93
CA GLY C 43 -0.07 -14.48 -8.38
C GLY C 43 -1.07 -14.64 -7.25
N SER C 44 -0.58 -15.03 -6.07
CA SER C 44 -1.43 -15.27 -4.92
C SER C 44 -2.04 -14.02 -4.25
N GLN C 45 -1.63 -12.83 -4.73
CA GLN C 45 -2.22 -11.59 -4.20
C GLN C 45 -2.77 -10.79 -5.32
N ILE C 46 -3.87 -10.12 -5.04
CA ILE C 46 -4.48 -9.20 -6.01
C ILE C 46 -4.05 -7.78 -5.51
N LEU C 47 -3.45 -6.97 -6.39
CA LEU C 47 -3.02 -5.59 -6.05
C LEU C 47 -4.21 -4.75 -6.51
N ALA C 48 -4.78 -3.95 -5.62
CA ALA C 48 -5.99 -3.23 -5.95
C ALA C 48 -5.81 -1.73 -5.80
N ASN C 49 -6.42 -0.96 -6.69
CA ASN C 49 -6.30 0.49 -6.63
C ASN C 49 -7.73 1.01 -6.80
N VAL C 50 -8.17 1.90 -5.91
CA VAL C 50 -9.54 2.35 -6.01
C VAL C 50 -9.69 3.85 -5.77
N SER C 51 -10.71 4.45 -6.41
CA SER C 51 -11.06 5.86 -6.14
C SER C 51 -12.55 6.00 -6.47
N LEU C 52 -13.17 7.10 -6.06
CA LEU C 52 -14.60 7.27 -6.28
C LEU C 52 -14.90 8.70 -6.60
N ILE C 53 -15.76 8.90 -7.60
CA ILE C 53 -16.23 10.22 -7.96
C ILE C 53 -17.77 10.13 -7.85
N VAL C 54 -18.41 10.92 -6.99
CA VAL C 54 -19.88 10.88 -6.95
C VAL C 54 -20.29 12.07 -7.82
N VAL C 55 -21.11 11.80 -8.82
CA VAL C 55 -21.46 12.86 -9.75
C VAL C 55 -22.82 13.51 -9.61
N ALA C 56 -23.70 12.94 -8.79
CA ALA C 56 -25.04 13.48 -8.61
C ALA C 56 -25.71 12.82 -7.45
N GLY C 57 -26.88 13.34 -7.09
CA GLY C 57 -27.62 12.73 -6.03
C GLY C 57 -27.20 13.15 -4.62
N LYS C 58 -27.77 12.38 -3.71
CA LYS C 58 -27.66 12.50 -2.28
C LYS C 58 -26.22 12.66 -1.78
N TYR C 59 -25.28 11.94 -2.39
CA TYR C 59 -23.89 11.97 -1.93
C TYR C 59 -22.95 12.81 -2.79
N HIS C 60 -23.51 13.56 -3.74
CA HIS C 60 -22.62 14.35 -4.58
C HIS C 60 -21.98 15.49 -3.84
N ILE C 61 -22.77 16.29 -3.12
CA ILE C 61 -22.19 17.40 -2.35
C ILE C 61 -22.54 17.13 -0.93
N ILE C 62 -21.53 17.03 -0.08
CA ILE C 62 -21.76 16.74 1.31
C ILE C 62 -21.94 18.05 2.06
N ASN C 63 -23.03 18.17 2.80
CA ASN C 63 -23.23 19.35 3.63
C ASN C 63 -23.84 18.81 4.89
N ASN C 64 -22.99 18.62 5.88
CA ASN C 64 -23.41 18.05 7.13
C ASN C 64 -24.04 19.10 8.03
N LYS C 65 -24.09 20.34 7.57
CA LYS C 65 -24.80 21.34 8.36
C LYS C 65 -26.27 21.05 8.00
N THR C 66 -26.53 20.96 6.70
CA THR C 66 -27.86 20.70 6.19
C THR C 66 -28.37 19.31 6.53
N ASN C 67 -27.49 18.30 6.35
CA ASN C 67 -27.83 16.91 6.60
C ASN C 67 -26.79 16.30 7.52
N PRO C 68 -26.97 16.47 8.82
CA PRO C 68 -26.04 15.92 9.80
C PRO C 68 -25.91 14.39 9.76
N GLU C 69 -26.97 13.71 9.36
CA GLU C 69 -26.96 12.25 9.35
C GLU C 69 -26.31 11.56 8.16
N ILE C 70 -25.90 12.33 7.17
CA ILE C 70 -25.33 11.72 5.97
C ILE C 70 -23.85 11.61 6.24
N LYS C 71 -23.44 10.45 6.72
CA LYS C 71 -22.03 10.32 7.10
C LYS C 71 -21.38 9.07 6.50
N SER C 72 -22.14 8.29 5.72
CA SER C 72 -21.53 7.07 5.16
C SER C 72 -22.44 6.53 4.07
N PHE C 73 -21.85 5.65 3.26
CA PHE C 73 -22.61 4.95 2.27
C PHE C 73 -21.78 3.73 1.86
N THR C 74 -22.42 2.80 1.17
CA THR C 74 -21.75 1.55 0.82
C THR C 74 -21.87 1.22 -0.65
N ILE C 75 -20.81 0.60 -1.19
CA ILE C 75 -20.80 0.14 -2.56
C ILE C 75 -20.41 -1.33 -2.43
N LYS C 76 -21.27 -2.23 -2.91
CA LYS C 76 -21.00 -3.68 -2.80
C LYS C 76 -20.77 -4.27 -4.17
N LEU C 77 -19.79 -5.16 -4.29
CA LEU C 77 -19.52 -5.91 -5.52
C LEU C 77 -19.79 -7.38 -5.05
N LEU C 78 -20.80 -8.03 -5.65
CA LEU C 78 -21.19 -9.41 -5.26
C LEU C 78 -20.83 -10.29 -6.43
N PHE C 79 -20.21 -11.45 -6.19
CA PHE C 79 -19.81 -12.30 -7.29
C PHE C 79 -20.34 -13.75 -7.10
N ASN C 80 -20.58 -14.43 -8.22
CA ASN C 80 -21.06 -15.81 -8.07
C ASN C 80 -19.85 -16.75 -8.06
N LYS C 81 -20.10 -18.07 -8.10
CA LYS C 81 -19.01 -19.05 -8.03
C LYS C 81 -17.98 -18.94 -9.11
N ASN C 82 -18.31 -18.30 -10.22
CA ASN C 82 -17.31 -18.11 -11.27
C ASN C 82 -16.58 -16.73 -11.24
N GLY C 83 -16.83 -15.97 -10.19
CA GLY C 83 -16.19 -14.65 -10.08
C GLY C 83 -16.88 -13.60 -10.93
N VAL C 84 -18.12 -13.88 -11.37
CA VAL C 84 -18.89 -12.97 -12.18
C VAL C 84 -19.73 -12.07 -11.29
N LEU C 85 -19.73 -10.79 -11.66
CA LEU C 85 -20.46 -9.79 -10.91
C LEU C 85 -21.98 -10.04 -10.99
N LEU C 86 -22.63 -10.02 -9.83
CA LEU C 86 -24.09 -10.20 -9.74
C LEU C 86 -24.82 -8.85 -9.84
N ASP C 87 -26.00 -8.82 -10.45
CA ASP C 87 -26.69 -7.56 -10.71
C ASP C 87 -27.19 -6.78 -9.49
N ASN C 88 -27.18 -7.39 -8.33
CA ASN C 88 -27.58 -6.66 -7.12
C ASN C 88 -26.40 -5.80 -6.66
N SER C 89 -25.26 -5.95 -7.32
CA SER C 89 -24.08 -5.13 -6.97
C SER C 89 -24.36 -3.65 -7.27
N ASN C 90 -23.68 -2.73 -6.58
CA ASN C 90 -23.90 -1.29 -6.89
C ASN C 90 -23.21 -0.91 -8.19
N LEU C 91 -22.10 -1.57 -8.50
CA LEU C 91 -21.33 -1.35 -9.74
C LEU C 91 -22.10 -2.04 -10.86
N GLY C 92 -22.30 -1.34 -11.97
CA GLY C 92 -23.05 -1.94 -13.07
C GLY C 92 -22.25 -3.01 -13.82
N LYS C 93 -22.91 -4.12 -14.17
CA LYS C 93 -22.22 -5.19 -14.88
C LYS C 93 -21.56 -4.81 -16.20
N ALA C 94 -22.13 -3.85 -16.90
CA ALA C 94 -21.60 -3.48 -18.22
C ALA C 94 -20.25 -2.85 -18.14
N TYR C 95 -19.92 -2.39 -16.95
CA TYR C 95 -18.70 -1.64 -16.71
C TYR C 95 -17.48 -2.38 -16.15
N TRP C 96 -17.63 -3.67 -15.88
CA TRP C 96 -16.60 -4.44 -15.22
C TRP C 96 -16.11 -5.59 -16.08
N ASN C 97 -14.82 -5.61 -16.41
CA ASN C 97 -14.33 -6.68 -17.28
C ASN C 97 -12.81 -6.63 -17.31
N PHE C 98 -12.18 -7.57 -18.00
CA PHE C 98 -10.72 -7.55 -18.12
C PHE C 98 -10.28 -6.35 -18.99
N ARG C 99 -9.07 -5.85 -18.75
CA ARG C 99 -8.54 -4.68 -19.48
C ARG C 99 -8.08 -4.98 -20.92
N SER C 100 -8.39 -4.06 -21.83
CA SER C 100 -7.97 -4.15 -23.23
C SER C 100 -7.58 -2.71 -23.58
N GLY C 101 -6.27 -2.43 -23.58
CA GLY C 101 -5.79 -1.07 -23.83
C GLY C 101 -6.29 -0.18 -22.69
N ASN C 102 -6.97 0.90 -23.00
CA ASN C 102 -7.52 1.75 -21.97
C ASN C 102 -9.01 1.47 -21.88
N SER C 103 -9.45 0.32 -22.39
CA SER C 103 -10.86 -0.02 -22.33
C SER C 103 -10.99 -1.45 -21.79
N ASN C 104 -12.13 -2.09 -22.05
CA ASN C 104 -12.44 -3.46 -21.62
C ASN C 104 -12.64 -4.35 -22.85
N VAL C 105 -12.66 -5.66 -22.66
CA VAL C 105 -12.91 -6.57 -23.77
C VAL C 105 -14.35 -6.32 -24.21
N SER C 106 -14.66 -6.73 -25.43
CA SER C 106 -16.00 -6.53 -26.00
C SER C 106 -17.11 -7.34 -25.36
N THR C 107 -16.77 -8.50 -24.82
CA THR C 107 -17.79 -9.32 -24.22
C THR C 107 -17.48 -9.75 -22.78
N ALA C 108 -18.56 -9.92 -22.04
CA ALA C 108 -18.51 -10.27 -20.64
C ALA C 108 -17.62 -11.47 -20.35
N TYR C 109 -16.80 -11.39 -19.30
CA TYR C 109 -15.95 -12.52 -18.99
C TYR C 109 -16.81 -13.60 -18.33
N GLU C 110 -16.35 -14.85 -18.38
CA GLU C 110 -17.09 -15.96 -17.81
C GLU C 110 -16.45 -16.48 -16.53
N LYS C 111 -15.14 -16.28 -16.38
CA LYS C 111 -14.45 -16.72 -15.20
C LYS C 111 -13.35 -15.77 -14.71
N ALA C 112 -13.36 -15.55 -13.41
CA ALA C 112 -12.35 -14.71 -12.80
C ALA C 112 -12.14 -15.15 -11.36
N ILE C 113 -12.19 -16.46 -11.13
CA ILE C 113 -12.00 -16.95 -9.79
C ILE C 113 -10.65 -16.58 -9.18
N GLY C 114 -9.63 -16.42 -10.03
CA GLY C 114 -8.29 -16.08 -9.56
C GLY C 114 -8.20 -14.65 -9.00
N PHE C 115 -9.28 -13.89 -9.15
CA PHE C 115 -9.32 -12.48 -8.64
C PHE C 115 -10.25 -12.35 -7.44
N MET C 116 -10.89 -13.45 -7.03
CA MET C 116 -11.80 -13.43 -5.92
C MET C 116 -11.06 -13.52 -4.62
N PRO C 117 -11.62 -12.88 -3.59
CA PRO C 117 -10.99 -12.91 -2.28
C PRO C 117 -11.07 -14.38 -1.77
N ASN C 118 -9.92 -14.87 -1.32
CA ASN C 118 -9.77 -16.25 -0.82
C ASN C 118 -10.75 -16.56 0.32
N LEU C 119 -11.57 -17.61 0.13
CA LEU C 119 -12.58 -17.99 1.13
C LEU C 119 -12.03 -18.57 2.41
N VAL C 120 -10.82 -19.11 2.37
CA VAL C 120 -10.22 -19.63 3.59
C VAL C 120 -9.66 -18.45 4.36
N ALA C 121 -9.01 -17.52 3.64
CA ALA C 121 -8.52 -16.30 4.33
C ALA C 121 -9.69 -15.45 4.86
N TYR C 122 -10.73 -15.35 4.04
CA TYR C 122 -11.88 -14.47 4.35
C TYR C 122 -13.19 -15.28 4.18
N PRO C 123 -13.58 -16.03 5.21
CA PRO C 123 -14.81 -16.86 5.15
C PRO C 123 -16.12 -16.11 5.17
N LYS C 124 -17.15 -16.72 4.60
CA LYS C 124 -18.50 -16.18 4.62
C LYS C 124 -18.98 -16.21 6.07
N PRO C 125 -19.97 -15.38 6.44
CA PRO C 125 -20.48 -15.35 7.81
C PRO C 125 -21.03 -16.72 8.21
N SER C 126 -20.79 -17.13 9.45
CA SER C 126 -21.30 -18.42 9.88
C SER C 126 -21.41 -18.33 11.38
N ASN C 127 -21.47 -19.49 12.04
CA ASN C 127 -21.54 -19.48 13.49
C ASN C 127 -20.13 -19.55 14.08
N SER C 128 -19.12 -19.68 13.23
CA SER C 128 -17.72 -19.67 13.69
C SER C 128 -17.30 -18.23 13.99
N LYS C 129 -16.22 -18.06 14.75
CA LYS C 129 -15.70 -16.73 15.10
C LYS C 129 -15.30 -15.94 13.84
N LYS C 130 -15.71 -14.68 13.79
CA LYS C 130 -15.42 -13.80 12.63
C LYS C 130 -14.11 -13.06 12.92
N TYR C 131 -13.14 -13.13 12.01
CA TYR C 131 -11.89 -12.42 12.27
C TYR C 131 -11.86 -11.15 11.43
N ALA C 132 -11.05 -10.21 11.88
CA ALA C 132 -10.97 -8.89 11.25
C ALA C 132 -9.99 -8.90 10.07
N ARG C 133 -9.36 -10.03 9.80
CA ARG C 133 -8.41 -9.95 8.72
C ARG C 133 -9.06 -9.80 7.35
N ASP C 134 -10.38 -9.96 7.29
CA ASP C 134 -11.09 -9.78 6.04
C ASP C 134 -11.43 -8.32 5.80
N ILE C 135 -10.81 -7.42 6.58
CA ILE C 135 -11.01 -5.98 6.39
C ILE C 135 -9.69 -5.26 6.15
N VAL C 136 -9.72 -4.24 5.28
CA VAL C 136 -8.56 -3.38 5.08
C VAL C 136 -9.07 -1.94 5.23
N TYR C 137 -8.43 -1.16 6.06
CA TYR C 137 -8.87 0.24 6.17
C TYR C 137 -7.86 1.15 5.45
N GLY C 138 -8.39 2.23 4.89
CA GLY C 138 -7.52 3.21 4.24
C GLY C 138 -8.18 4.58 4.37
N THR C 139 -7.46 5.65 4.05
CA THR C 139 -8.04 6.97 4.13
C THR C 139 -7.79 7.61 2.79
N ILE C 140 -8.81 8.24 2.24
CA ILE C 140 -8.65 8.98 0.98
C ILE C 140 -9.09 10.44 1.30
N TYR C 141 -8.88 11.36 0.36
CA TYR C 141 -9.12 12.77 0.64
C TYR C 141 -10.03 13.38 -0.40
N LEU C 142 -11.09 14.04 0.07
CA LEU C 142 -12.06 14.61 -0.81
C LEU C 142 -11.47 15.81 -1.49
N GLY C 143 -11.61 15.83 -2.81
CA GLY C 143 -11.05 16.92 -3.58
C GLY C 143 -9.52 17.01 -3.49
N GLY C 144 -8.87 15.99 -2.98
CA GLY C 144 -7.41 16.04 -2.89
C GLY C 144 -6.90 16.99 -1.82
N LYS C 145 -7.80 17.54 -1.02
CA LYS C 145 -7.35 18.46 0.04
C LYS C 145 -6.93 17.66 1.26
N PRO C 146 -5.77 18.01 1.83
CA PRO C 146 -5.24 17.30 3.00
C PRO C 146 -6.08 17.34 4.23
N ASP C 147 -6.95 18.36 4.34
CA ASP C 147 -7.79 18.45 5.50
C ASP C 147 -9.19 17.90 5.26
N GLN C 148 -9.36 17.09 4.21
CA GLN C 148 -10.68 16.49 3.98
C GLN C 148 -10.61 14.95 3.86
N PRO C 149 -10.18 14.28 4.92
CA PRO C 149 -10.08 12.81 4.91
C PRO C 149 -11.45 12.12 5.00
N ALA C 150 -11.54 10.95 4.40
CA ALA C 150 -12.77 10.13 4.56
C ALA C 150 -12.17 8.73 4.60
N VAL C 151 -12.86 7.85 5.32
CA VAL C 151 -12.40 6.48 5.45
C VAL C 151 -12.98 5.60 4.40
N ILE C 152 -12.12 4.75 3.81
CA ILE C 152 -12.63 3.74 2.91
C ILE C 152 -12.30 2.41 3.60
N LYS C 153 -13.34 1.67 3.98
CA LYS C 153 -13.21 0.36 4.64
C LYS C 153 -13.57 -0.69 3.61
N THR C 154 -12.68 -1.65 3.39
CA THR C 154 -13.00 -2.65 2.36
C THR C 154 -13.11 -3.98 3.11
N THR C 155 -14.18 -4.73 2.85
CA THR C 155 -14.42 -6.04 3.54
C THR C 155 -14.62 -7.09 2.51
N PHE C 156 -14.03 -8.25 2.76
CA PHE C 156 -14.14 -9.33 1.78
C PHE C 156 -15.10 -10.45 2.24
N ASN C 157 -15.92 -10.92 1.29
CA ASN C 157 -16.83 -12.07 1.44
C ASN C 157 -17.80 -12.02 2.59
N GLN C 158 -18.28 -10.84 2.99
CA GLN C 158 -19.23 -10.78 4.09
C GLN C 158 -20.68 -10.54 3.68
N GLU C 159 -20.95 -10.43 2.39
CA GLU C 159 -22.32 -10.21 1.94
C GLU C 159 -23.00 -11.55 1.74
N THR C 160 -24.34 -11.53 1.69
CA THR C 160 -25.06 -12.77 1.43
C THR C 160 -25.54 -12.67 0.02
N GLY C 161 -26.10 -13.76 -0.51
CA GLY C 161 -26.58 -13.79 -1.89
C GLY C 161 -25.46 -13.90 -2.90
N CYS C 162 -24.31 -14.45 -2.48
CA CYS C 162 -23.14 -14.51 -3.37
C CYS C 162 -22.15 -15.55 -2.91
N GLU C 163 -21.21 -15.92 -3.77
CA GLU C 163 -20.16 -16.82 -3.36
C GLU C 163 -18.98 -15.99 -2.83
N TYR C 164 -18.76 -14.79 -3.39
CA TYR C 164 -17.66 -13.89 -2.99
C TYR C 164 -18.16 -12.43 -3.02
N SER C 165 -17.50 -11.53 -2.29
CA SER C 165 -17.90 -10.14 -2.34
C SER C 165 -16.78 -9.23 -1.90
N ILE C 166 -16.85 -7.99 -2.39
CA ILE C 166 -15.90 -6.95 -1.97
C ILE C 166 -16.82 -5.77 -1.66
N THR C 167 -16.76 -5.30 -0.43
CA THR C 167 -17.66 -4.21 -0.03
C THR C 167 -16.82 -2.99 0.38
N PHE C 168 -17.14 -1.81 -0.15
CA PHE C 168 -16.45 -0.56 0.21
C PHE C 168 -17.42 0.25 1.02
N ASP C 169 -17.07 0.54 2.27
CA ASP C 169 -17.93 1.35 3.13
C ASP C 169 -17.14 2.66 3.28
N PHE C 170 -17.71 3.74 2.76
CA PHE C 170 -17.10 5.06 2.86
C PHE C 170 -17.74 5.76 4.05
N SER C 171 -16.96 6.48 4.86
CA SER C 171 -17.56 7.22 5.96
C SER C 171 -16.65 8.38 6.32
N TRP C 172 -17.20 9.35 7.03
CA TRP C 172 -16.31 10.42 7.41
C TRP C 172 -16.82 10.90 8.74
N SER C 173 -15.92 11.50 9.49
CA SER C 173 -16.30 11.96 10.82
C SER C 173 -16.32 13.49 10.92
N LYS C 174 -15.60 14.15 10.02
CA LYS C 174 -15.62 15.62 10.00
C LYS C 174 -16.95 16.19 9.47
N THR C 175 -17.26 17.42 9.86
CA THR C 175 -18.45 18.09 9.40
C THR C 175 -18.07 18.81 8.14
N TYR C 176 -18.39 18.25 6.98
CA TYR C 176 -18.01 18.93 5.76
C TYR C 176 -19.15 19.78 5.29
N GLU C 177 -18.84 20.96 4.74
CA GLU C 177 -19.86 21.88 4.24
C GLU C 177 -19.60 22.21 2.79
N ASN C 178 -20.44 21.66 1.94
CA ASN C 178 -20.39 21.80 0.50
C ASN C 178 -19.10 21.25 -0.06
N VAL C 179 -18.83 20.00 0.30
CA VAL C 179 -17.64 19.34 -0.18
C VAL C 179 -18.07 18.26 -1.16
N GLU C 180 -17.53 18.34 -2.36
CA GLU C 180 -17.85 17.37 -3.40
C GLU C 180 -17.19 16.04 -3.09
N PHE C 181 -17.97 14.96 -3.16
CA PHE C 181 -17.40 13.67 -2.86
C PHE C 181 -16.68 13.03 -4.05
N GLU C 182 -15.42 13.41 -4.26
CA GLU C 182 -14.60 12.83 -5.34
C GLU C 182 -13.23 12.70 -4.64
N THR C 183 -12.66 11.49 -4.71
CA THR C 183 -11.51 11.14 -3.87
C THR C 183 -10.11 10.92 -4.49
N THR C 184 -9.11 10.95 -3.62
CA THR C 184 -7.77 10.56 -4.05
C THR C 184 -7.83 9.03 -4.20
N SER C 185 -6.72 8.43 -4.59
CA SER C 185 -6.70 6.98 -4.81
C SER C 185 -6.05 6.25 -3.66
N PHE C 186 -6.47 4.99 -3.46
CA PHE C 186 -5.91 4.17 -2.40
C PHE C 186 -5.54 2.80 -2.97
N THR C 187 -4.39 2.29 -2.54
CA THR C 187 -3.99 0.93 -2.99
C THR C 187 -3.97 -0.03 -1.81
N PHE C 188 -4.37 -1.28 -2.07
CA PHE C 188 -4.33 -2.32 -1.02
C PHE C 188 -4.14 -3.64 -1.78
N SER C 189 -4.04 -4.73 -1.05
CA SER C 189 -3.98 -6.02 -1.74
C SER C 189 -4.80 -6.99 -0.92
N TYR C 190 -5.11 -8.15 -1.48
CA TYR C 190 -5.79 -9.18 -0.73
C TYR C 190 -5.34 -10.52 -1.30
N ILE C 191 -5.56 -11.55 -0.52
CA ILE C 191 -5.15 -12.92 -0.89
C ILE C 191 -6.17 -13.47 -1.85
N ALA C 192 -5.69 -14.03 -2.95
CA ALA C 192 -6.55 -14.54 -4.01
C ALA C 192 -7.05 -15.97 -3.76
N GLN C 193 -8.26 -16.24 -4.22
CA GLN C 193 -8.89 -17.56 -4.05
C GLN C 193 -8.06 -18.64 -4.77
N GLU C 194 -7.56 -18.34 -5.96
CA GLU C 194 -6.74 -19.29 -6.72
C GLU C 194 -5.56 -18.55 -7.32
C1 GAL D . -1.29 11.64 20.45
C2 GAL D . -1.30 11.30 18.95
C3 GAL D . 0.00 11.81 18.30
C4 GAL D . 0.21 13.30 18.59
C5 GAL D . 0.17 13.50 20.11
C6 GAL D . 0.35 14.93 20.53
O1 GAL D . -2.49 11.26 21.05
O2 GAL D . -1.40 9.88 18.79
O3 GAL D . -0.05 11.65 16.87
O4 GAL D . -0.84 14.02 17.95
O5 GAL D . -1.12 13.05 20.62
O6 GAL D . 0.50 15.04 21.94
C1 SIA D . 2.37 11.68 16.69
C2 SIA D . 1.03 10.95 16.34
C3 SIA D . 0.86 10.84 14.80
C4 SIA D . 1.73 9.72 14.15
C5 SIA D . 1.68 8.41 14.94
C6 SIA D . 2.01 8.75 16.39
C7 SIA D . 2.12 7.52 17.29
C8 SIA D . 2.38 8.01 18.69
C9 SIA D . 2.82 6.85 19.56
C10 SIA D . 2.45 6.39 13.82
C11 SIA D . 3.68 5.57 13.44
N5 SIA D . 2.72 7.53 14.44
O1A SIA D . 2.68 12.71 16.05
O1B SIA D . 3.06 11.25 17.62
O4 SIA D . 1.21 9.46 12.87
O6 SIA D . 1.01 9.64 16.94
O7 SIA D . 0.91 6.79 17.24
O8 SIA D . 3.39 9.00 18.67
O9 SIA D . 2.66 7.23 20.91
O10 SIA D . 1.32 5.97 13.52
C1 GAL E . -11.36 11.99 16.70
C2 GAL E . -10.42 11.30 15.68
C3 GAL E . -9.86 10.02 16.29
C4 GAL E . -9.22 10.28 17.67
C5 GAL E . -10.23 11.01 18.56
C6 GAL E . -9.67 11.37 19.90
O1 GAL E . -11.82 13.21 16.21
O2 GAL E . -11.17 11.00 14.51
O3 GAL E . -8.88 9.43 15.43
O4 GAL E . -8.06 11.08 17.50
O5 GAL E . -10.66 12.23 17.93
O6 GAL E . -10.70 11.81 20.77
C1 SIA E . -9.40 7.21 16.28
C2 SIA E . -9.11 8.11 15.05
C3 SIA E . -7.88 7.59 14.30
C4 SIA E . -8.19 6.30 13.51
C5 SIA E . -9.44 6.49 12.63
C6 SIA E . -10.60 6.91 13.57
C7 SIA E . -11.94 7.09 12.83
C8 SIA E . -13.01 7.59 13.81
C9 SIA E . -14.37 7.42 13.16
C10 SIA E . -9.71 5.03 10.69
C11 SIA E . -10.28 3.72 10.17
N5 SIA E . -9.80 5.21 12.01
O1A SIA E . -8.44 6.85 17.00
O1B SIA E . -10.57 6.84 16.51
O4 SIA E . -7.07 6.02 12.68
O6 SIA E . -10.26 8.16 14.21
O7 SIA E . -11.79 8.05 11.80
O8 SIA E . -12.97 6.79 14.98
O9 SIA E . -14.69 6.02 13.21
O10 SIA E . -9.20 5.84 9.91
C1 GAL F . -4.19 15.56 14.56
C2 GAL F . -4.30 16.74 15.54
C3 GAL F . -5.70 17.32 15.56
C4 GAL F . -6.14 17.68 14.16
C5 GAL F . -5.99 16.44 13.27
C6 GAL F . -6.33 16.76 11.84
O1 GAL F . -2.87 15.16 14.46
O2 GAL F . -3.94 16.28 16.83
O3 GAL F . -5.74 18.48 16.40
O4 GAL F . -5.32 18.70 13.63
O5 GAL F . -4.62 15.96 13.26
O6 GAL F . -6.11 15.54 11.07
C1 SIA F . -7.16 16.53 9.18
C2 SIA F . -6.02 15.66 9.71
C3 SIA F . -6.11 14.23 9.16
C4 SIA F . -5.64 14.08 7.75
C5 SIA F . -4.26 14.75 7.53
C6 SIA F . -4.41 16.23 8.00
C7 SIA F . -3.11 17.06 7.75
C8 SIA F . -3.28 18.52 8.18
C9 SIA F . -2.15 19.35 7.53
C10 SIA F . -2.90 14.10 5.60
C11 SIA F . -2.64 14.38 4.15
N5 SIA F . -3.97 14.72 6.11
O1A SIA F . -8.33 16.15 9.35
O1B SIA F . -6.89 17.66 8.69
O4 SIA F . -5.55 12.69 7.47
O6 SIA F . -4.76 16.29 9.41
O7 SIA F . -2.05 16.50 8.50
O8 SIA F . -4.54 19.01 7.75
O9 SIA F . -2.13 20.64 8.10
O10 SIA F . -2.19 13.32 6.23
ZN ZN G . 22.22 14.68 7.38
C ACT H . 23.88 12.72 5.77
O ACT H . 23.93 13.88 6.36
OXT ACT H . 22.82 12.04 5.51
CH3 ACT H . 25.25 12.16 5.38
C ACT I . 24.90 16.36 8.51
O ACT I . 25.90 16.21 7.69
OXT ACT I . 24.06 15.45 8.91
CH3 ACT I . 24.76 17.80 8.98
ZN ZN J . -9.64 -14.76 21.10
ZN ZN K . -21.83 19.22 -8.77
C ACT L . -20.62 20.65 -7.80
O ACT L . -21.85 20.65 -7.33
OXT ACT L . -20.11 19.79 -8.75
CH3 ACT L . -19.77 21.75 -7.22
#